data_4RVG
#
_entry.id   4RVG
#
_cell.length_a   134.733
_cell.length_b   134.733
_cell.length_c   127.755
_cell.angle_alpha   90.00
_cell.angle_beta   90.00
_cell.angle_gamma   90.00
#
_symmetry.space_group_name_H-M   'I 41 2 2'
#
loop_
_entity.id
_entity.type
_entity.pdbx_description
1 polymer 'D-mycarose 3-C-methyltransferase'
2 non-polymer 'ZINC ION'
3 non-polymer "THYMIDINE-5'-DIPHOSPHATE"
4 non-polymer S-ADENOSYLMETHIONINE
5 non-polymer 'ACETATE ION'
6 water water
#
_entity_poly.entity_id   1
_entity_poly.type   'polypeptide(L)'
_entity_poly.pdbx_seq_one_letter_code
;MDIYGTARAVTTCRMCGAQDWQEVVDFGPVPLADSFLEPAASYDDEPRYPLAVVSCRSCRLMSLTHVVDPEVLYRTYPYT
TSDSETIKKHMGHVVAVCVERFGIPEGSFVLEIGSNTGSQLKAFQNAGMRTLGIDPARNIAAVANERGIETLPEFFSVDT
AALVKKTHGTPQLVLGRHVFAHIDDVSAVAEGVRDLLGPDSLFAIEVPYLVDMLERNEFDTIYHEHLSYIGVGSLVALFR
RHGLRVVDVERLAVHGGSILVFVGLDEGTRATAPVVEELIALEKERGLYEDATYERFARHVAEITAELTSMVRSLRAEGK
RIAGYGAPAKGNTLLNVCGLTADDLEFCCDTTEFKQGLVLPGTHIPVRSPEYAKTQAIDYYLLLAWNYGEEILAKEGPFL
ADGGRFILPNPRPSIVPPGEHHHHHH
;
_entity_poly.pdbx_strand_id   A
#
loop_
_chem_comp.id
_chem_comp.type
_chem_comp.name
_chem_comp.formula
ACT non-polymer 'ACETATE ION' 'C2 H3 O2 -1'
SAM non-polymer S-ADENOSYLMETHIONINE 'C15 H22 N6 O5 S'
TYD non-polymer THYMIDINE-5'-DIPHOSPHATE 'C10 H16 N2 O11 P2'
ZN non-polymer 'ZINC ION' 'Zn 2'
#
# COMPACT_ATOMS: atom_id res chain seq x y z
N THR A 6 -0.36 -17.80 15.66
CA THR A 6 -1.64 -17.19 15.17
C THR A 6 -1.60 -15.67 15.27
N ALA A 7 -2.51 -15.04 14.52
CA ALA A 7 -2.63 -13.59 14.47
C ALA A 7 -3.47 -13.08 15.64
N ARG A 8 -3.05 -11.96 16.22
CA ARG A 8 -3.74 -11.40 17.38
C ARG A 8 -5.00 -10.64 16.94
N ALA A 9 -6.10 -10.87 17.64
CA ALA A 9 -7.40 -10.29 17.27
C ALA A 9 -7.54 -8.85 17.75
N VAL A 10 -8.14 -8.02 16.91
CA VAL A 10 -8.36 -6.61 17.24
C VAL A 10 -9.53 -6.51 18.22
N THR A 11 -9.33 -5.72 19.27
CA THR A 11 -10.38 -5.44 20.24
C THR A 11 -10.89 -4.02 20.02
N THR A 12 -10.07 -3.05 20.40
CA THR A 12 -10.45 -1.65 20.28
C THR A 12 -9.78 -1.00 19.06
N CYS A 13 -10.34 0.13 18.66
CA CYS A 13 -9.91 0.83 17.45
C CYS A 13 -8.56 1.52 17.64
N ARG A 14 -7.68 1.38 16.65
CA ARG A 14 -6.34 1.97 16.65
C ARG A 14 -6.30 3.49 16.79
N MET A 15 -7.25 4.16 16.13
CA MET A 15 -7.21 5.61 16.03
C MET A 15 -7.94 6.31 17.17
N CYS A 16 -9.22 5.98 17.35
CA CYS A 16 -10.08 6.71 18.30
C CYS A 16 -10.35 5.99 19.62
N GLY A 17 -10.07 4.69 19.67
CA GLY A 17 -10.16 3.93 20.92
C GLY A 17 -11.53 3.36 21.27
N ALA A 18 -12.49 3.48 20.36
CA ALA A 18 -13.84 2.95 20.56
C ALA A 18 -13.87 1.45 20.23
N GLN A 19 -15.04 0.85 20.46
CA GLN A 19 -15.27 -0.54 20.09
C GLN A 19 -16.71 -0.68 19.60
N ASP A 20 -16.91 -0.34 18.33
CA ASP A 20 -18.23 -0.42 17.69
C ASP A 20 -18.04 -0.41 16.18
N TRP A 21 -17.94 -1.61 15.60
CA TRP A 21 -17.79 -1.73 14.15
C TRP A 21 -18.74 -2.71 13.48
N GLN A 22 -19.11 -2.37 12.25
CA GLN A 22 -19.88 -3.26 11.40
C GLN A 22 -18.92 -4.12 10.60
N GLU A 23 -19.35 -5.34 10.31
CA GLU A 23 -18.63 -6.21 9.41
C GLU A 23 -18.88 -5.69 7.99
N VAL A 24 -17.85 -5.71 7.16
CA VAL A 24 -17.97 -5.21 5.78
C VAL A 24 -17.77 -6.35 4.78
N VAL A 25 -16.67 -7.10 4.91
CA VAL A 25 -16.45 -8.29 4.09
C VAL A 25 -15.47 -9.23 4.77
N ASP A 26 -15.65 -10.53 4.52
CA ASP A 26 -14.84 -11.59 5.11
C ASP A 26 -14.44 -12.59 4.01
N PHE A 27 -13.13 -12.77 3.83
CA PHE A 27 -12.58 -13.67 2.82
C PHE A 27 -12.11 -14.99 3.42
N GLY A 28 -12.33 -15.16 4.72
CA GLY A 28 -11.95 -16.38 5.43
C GLY A 28 -10.45 -16.44 5.67
N PRO A 29 -9.91 -17.65 5.89
CA PRO A 29 -8.47 -17.80 6.03
C PRO A 29 -7.76 -17.71 4.67
N VAL A 30 -6.76 -16.83 4.59
CA VAL A 30 -6.01 -16.58 3.36
C VAL A 30 -4.51 -16.57 3.69
N PRO A 31 -3.67 -17.16 2.82
CA PRO A 31 -2.23 -17.11 3.08
C PRO A 31 -1.65 -15.70 2.88
N LEU A 32 -0.47 -15.45 3.45
CA LEU A 32 0.12 -14.12 3.44
C LEU A 32 0.54 -13.71 2.04
N ALA A 33 0.15 -12.49 1.66
CA ALA A 33 0.29 -11.99 0.30
C ALA A 33 1.75 -11.89 -0.19
N ASP A 34 2.68 -11.62 0.74
CA ASP A 34 4.10 -11.56 0.39
C ASP A 34 4.93 -12.78 0.82
N SER A 35 4.25 -13.90 1.06
CA SER A 35 4.90 -15.17 1.37
C SER A 35 4.89 -16.09 0.15
N PHE A 36 5.84 -15.85 -0.74
CA PHE A 36 5.98 -16.64 -1.95
C PHE A 36 6.70 -17.94 -1.59
N LEU A 37 6.48 -18.99 -2.38
CA LEU A 37 6.97 -20.33 -2.04
C LEU A 37 7.88 -20.93 -3.11
N GLU A 38 8.84 -21.73 -2.67
CA GLU A 38 9.61 -22.56 -3.58
C GLU A 38 8.66 -23.59 -4.20
N PRO A 39 8.83 -23.89 -5.50
CA PRO A 39 7.88 -24.74 -6.21
C PRO A 39 7.94 -26.24 -5.86
N ALA A 40 7.12 -27.01 -6.57
CA ALA A 40 7.11 -28.48 -6.54
C ALA A 40 6.49 -29.08 -5.26
N ALA A 41 6.30 -30.40 -5.31
CA ALA A 41 5.82 -31.19 -4.18
C ALA A 41 4.36 -30.84 -3.80
N SER A 42 4.11 -30.52 -2.54
CA SER A 42 2.79 -30.11 -2.07
C SER A 42 2.93 -28.86 -1.20
N TYR A 43 1.80 -28.32 -0.75
CA TYR A 43 1.80 -27.08 0.04
C TYR A 43 0.79 -27.20 1.18
N ASP A 44 0.92 -28.26 1.98
CA ASP A 44 -0.06 -28.59 3.01
C ASP A 44 0.08 -27.68 4.24
N ASP A 45 1.32 -27.42 4.62
CA ASP A 45 1.63 -26.65 5.83
C ASP A 45 1.57 -25.11 5.65
N GLU A 46 1.31 -24.65 4.43
CA GLU A 46 1.25 -23.20 4.14
C GLU A 46 0.35 -22.48 5.16
N PRO A 47 0.92 -21.54 5.93
CA PRO A 47 0.09 -20.83 6.90
C PRO A 47 -1.01 -19.99 6.26
N ARG A 48 -2.14 -19.92 6.93
CA ARG A 48 -3.27 -19.10 6.52
C ARG A 48 -3.80 -18.36 7.74
N TYR A 49 -4.26 -17.13 7.53
CA TYR A 49 -4.79 -16.31 8.61
C TYR A 49 -6.12 -15.69 8.17
N PRO A 50 -7.01 -15.39 9.15
CA PRO A 50 -8.28 -14.78 8.80
C PRO A 50 -8.08 -13.42 8.12
N LEU A 51 -8.75 -13.22 7.00
CA LEU A 51 -8.70 -11.94 6.28
C LEU A 51 -10.11 -11.36 6.18
N ALA A 52 -10.39 -10.40 7.05
CA ALA A 52 -11.70 -9.76 7.12
C ALA A 52 -11.53 -8.31 7.53
N VAL A 53 -12.43 -7.46 7.08
CA VAL A 53 -12.38 -6.03 7.41
C VAL A 53 -13.61 -5.61 8.19
N VAL A 54 -13.42 -4.61 9.06
CA VAL A 54 -14.47 -4.05 9.87
C VAL A 54 -14.31 -2.54 9.84
N SER A 55 -15.42 -1.83 10.01
CA SER A 55 -15.42 -0.35 9.97
C SER A 55 -15.88 0.23 11.30
N CYS A 56 -14.99 0.98 11.95
CA CYS A 56 -15.29 1.61 13.23
C CYS A 56 -16.32 2.74 13.07
N ARG A 57 -17.47 2.60 13.72
CA ARG A 57 -18.56 3.58 13.58
C ARG A 57 -18.28 4.96 14.19
N SER A 58 -17.33 5.04 15.12
CA SER A 58 -16.94 6.33 15.72
C SER A 58 -16.17 7.24 14.76
N CYS A 59 -15.00 6.77 14.34
CA CYS A 59 -14.10 7.56 13.47
C CYS A 59 -14.06 7.06 12.02
N ARG A 60 -14.64 5.87 11.79
CA ARG A 60 -14.68 5.24 10.46
C ARG A 60 -13.32 4.92 9.87
N LEU A 61 -12.40 4.53 10.75
CA LEU A 61 -11.25 3.76 10.34
C LEU A 61 -11.79 2.43 9.86
N MET A 62 -11.29 1.98 8.73
CA MET A 62 -11.53 0.62 8.30
C MET A 62 -10.29 -0.18 8.68
N SER A 63 -10.50 -1.39 9.18
CA SER A 63 -9.42 -2.17 9.77
C SER A 63 -9.66 -3.65 9.58
N LEU A 64 -8.58 -4.42 9.54
CA LEU A 64 -8.69 -5.87 9.53
C LEU A 64 -9.15 -6.35 10.90
N THR A 65 -9.77 -7.52 10.95
CA THR A 65 -10.20 -8.11 12.22
C THR A 65 -8.99 -8.59 13.04
N HIS A 66 -7.91 -8.95 12.35
CA HIS A 66 -6.72 -9.49 13.00
C HIS A 66 -5.42 -8.77 12.60
N VAL A 67 -4.39 -8.97 13.42
CA VAL A 67 -3.09 -8.36 13.26
C VAL A 67 -2.03 -9.45 13.24
N VAL A 68 -1.52 -9.77 12.06
CA VAL A 68 -0.45 -10.75 11.93
C VAL A 68 0.84 -10.13 12.47
N ASP A 69 1.62 -10.93 13.20
CA ASP A 69 2.81 -10.47 13.90
C ASP A 69 3.79 -9.71 12.97
N PRO A 70 4.11 -8.44 13.29
CA PRO A 70 5.05 -7.66 12.46
C PRO A 70 6.44 -8.29 12.29
N GLU A 71 6.90 -9.01 13.31
CA GLU A 71 8.19 -9.70 13.25
C GLU A 71 8.19 -10.73 12.12
N VAL A 72 7.05 -11.40 11.95
CA VAL A 72 6.88 -12.40 10.89
C VAL A 72 6.82 -11.73 9.52
N LEU A 73 6.04 -10.66 9.44
CA LEU A 73 5.83 -9.94 8.17
C LEU A 73 7.10 -9.26 7.63
N TYR A 74 7.80 -8.53 8.49
CA TYR A 74 8.78 -7.54 8.03
C TYR A 74 10.26 -7.85 8.23
N ARG A 75 10.58 -8.77 9.14
CA ARG A 75 11.98 -8.99 9.53
C ARG A 75 12.82 -9.57 8.38
N THR A 76 12.22 -10.43 7.56
CA THR A 76 12.88 -10.94 6.36
C THR A 76 12.14 -10.50 5.09
N TYR A 77 11.46 -9.36 5.18
CA TYR A 77 10.76 -8.78 4.03
C TYR A 77 11.79 -8.51 2.95
N PRO A 78 11.69 -9.19 1.80
CA PRO A 78 12.79 -9.14 0.84
C PRO A 78 12.58 -8.16 -0.30
N TYR A 79 11.42 -7.53 -0.36
CA TYR A 79 11.03 -6.78 -1.56
C TYR A 79 11.34 -5.30 -1.47
N THR A 80 12.14 -4.83 -2.43
CA THR A 80 12.64 -3.46 -2.47
C THR A 80 11.58 -2.53 -3.05
N THR A 81 11.74 -1.23 -2.77
CA THR A 81 10.86 -0.21 -3.33
C THR A 81 10.92 -0.23 -4.86
N SER A 82 9.76 -0.04 -5.49
CA SER A 82 9.66 -0.04 -6.95
C SER A 82 10.67 0.91 -7.58
N ASP A 83 11.37 0.43 -8.60
CA ASP A 83 12.33 1.25 -9.38
C ASP A 83 11.69 1.69 -10.70
N SER A 84 10.36 1.77 -10.72
CA SER A 84 9.62 2.18 -11.89
C SER A 84 9.74 3.69 -12.10
N GLU A 85 9.49 4.12 -13.33
CA GLU A 85 9.48 5.54 -13.65
C GLU A 85 8.39 6.27 -12.86
N THR A 86 7.26 5.60 -12.67
CA THR A 86 6.16 6.16 -11.88
C THR A 86 6.65 6.53 -10.46
N ILE A 87 7.35 5.60 -9.81
CA ILE A 87 7.81 5.84 -8.44
C ILE A 87 9.03 6.77 -8.35
N LYS A 88 9.93 6.71 -9.34
CA LYS A 88 11.04 7.67 -9.41
C LYS A 88 10.53 9.10 -9.47
N LYS A 89 9.55 9.32 -10.35
CA LYS A 89 8.95 10.63 -10.53
C LYS A 89 8.19 11.06 -9.28
N HIS A 90 7.39 10.16 -8.73
CA HIS A 90 6.63 10.46 -7.52
C HIS A 90 7.53 10.76 -6.31
N MET A 91 8.66 10.08 -6.20
CA MET A 91 9.57 10.35 -5.09
C MET A 91 10.17 11.75 -5.21
N GLY A 92 10.53 12.13 -6.44
CA GLY A 92 10.95 13.50 -6.73
C GLY A 92 9.87 14.50 -6.37
N HIS A 93 8.62 14.14 -6.63
CA HIS A 93 7.49 14.99 -6.29
C HIS A 93 7.30 15.14 -4.76
N VAL A 94 7.50 14.05 -4.03
CA VAL A 94 7.40 14.09 -2.57
C VAL A 94 8.40 15.10 -2.00
N VAL A 95 9.63 15.05 -2.49
CA VAL A 95 10.67 16.00 -2.08
C VAL A 95 10.21 17.41 -2.39
N ALA A 96 9.75 17.62 -3.62
CA ALA A 96 9.32 18.94 -4.08
C ALA A 96 8.23 19.53 -3.20
N VAL A 97 7.19 18.73 -2.95
CA VAL A 97 6.06 19.17 -2.11
C VAL A 97 6.50 19.49 -0.68
N CYS A 98 7.30 18.59 -0.09
CA CYS A 98 7.74 18.78 1.30
C CYS A 98 8.63 20.02 1.46
N VAL A 99 9.59 20.18 0.54
CA VAL A 99 10.54 21.28 0.62
C VAL A 99 9.90 22.61 0.24
N GLU A 100 9.26 22.65 -0.93
CA GLU A 100 8.75 23.91 -1.47
C GLU A 100 7.52 24.44 -0.75
N ARG A 101 6.61 23.55 -0.40
CA ARG A 101 5.36 23.98 0.24
C ARG A 101 5.58 24.46 1.66
N PHE A 102 6.55 23.87 2.35
CA PHE A 102 6.79 24.17 3.77
C PHE A 102 8.12 24.86 4.03
N GLY A 103 8.88 25.15 2.97
CA GLY A 103 10.11 25.94 3.06
C GLY A 103 11.22 25.32 3.87
N ILE A 104 11.45 24.02 3.71
CA ILE A 104 12.51 23.33 4.44
C ILE A 104 13.86 23.72 3.83
N PRO A 105 14.73 24.38 4.61
CA PRO A 105 16.01 24.79 4.00
C PRO A 105 16.97 23.64 3.76
N GLU A 106 17.93 23.86 2.87
CA GLU A 106 19.00 22.90 2.65
C GLU A 106 19.81 22.68 3.92
N GLY A 107 20.26 21.44 4.11
CA GLY A 107 20.98 21.05 5.30
C GLY A 107 20.06 20.60 6.42
N SER A 108 18.75 20.61 6.18
CA SER A 108 17.78 20.15 7.17
C SER A 108 17.81 18.62 7.30
N PHE A 109 17.22 18.14 8.39
CA PHE A 109 17.26 16.73 8.73
C PHE A 109 15.90 16.10 8.44
N VAL A 110 15.93 15.02 7.66
CA VAL A 110 14.73 14.30 7.28
C VAL A 110 14.85 12.87 7.77
N LEU A 111 13.96 12.47 8.67
CA LEU A 111 13.91 11.08 9.14
C LEU A 111 12.80 10.35 8.40
N GLU A 112 13.08 9.16 7.87
CA GLU A 112 12.04 8.36 7.20
C GLU A 112 11.80 7.02 7.87
N ILE A 113 10.54 6.75 8.16
CA ILE A 113 10.08 5.49 8.72
C ILE A 113 9.69 4.56 7.58
N GLY A 114 10.20 3.33 7.61
CA GLY A 114 9.89 2.37 6.57
C GLY A 114 10.62 2.70 5.28
N SER A 115 11.87 3.16 5.44
CA SER A 115 12.67 3.72 4.36
C SER A 115 13.18 2.72 3.34
N ASN A 116 13.08 1.43 3.67
CA ASN A 116 13.37 0.35 2.73
C ASN A 116 14.82 0.46 2.22
N THR A 117 15.06 0.33 0.92
CA THR A 117 16.41 0.45 0.35
C THR A 117 17.00 1.86 0.39
N GLY A 118 16.17 2.86 0.70
CA GLY A 118 16.65 4.22 0.93
C GLY A 118 16.57 5.19 -0.25
N SER A 119 15.78 4.83 -1.26
CA SER A 119 15.72 5.62 -2.50
C SER A 119 15.00 6.96 -2.31
N GLN A 120 13.97 6.98 -1.49
CA GLN A 120 13.29 8.23 -1.14
C GLN A 120 14.23 9.17 -0.40
N LEU A 121 15.03 8.62 0.52
CA LEU A 121 16.02 9.41 1.26
C LEU A 121 17.14 9.91 0.36
N LYS A 122 17.62 9.05 -0.53
CA LYS A 122 18.59 9.44 -1.54
C LYS A 122 18.13 10.70 -2.30
N ALA A 123 16.86 10.77 -2.67
CA ALA A 123 16.32 11.95 -3.36
C ALA A 123 16.36 13.19 -2.47
N PHE A 124 16.06 13.01 -1.17
CA PHE A 124 16.19 14.11 -0.19
C PHE A 124 17.64 14.55 -0.02
N GLN A 125 18.58 13.59 -0.05
CA GLN A 125 20.00 13.94 0.01
C GLN A 125 20.44 14.74 -1.22
N ASN A 126 19.92 14.38 -2.40
CA ASN A 126 20.22 15.14 -3.62
C ASN A 126 19.63 16.56 -3.60
N ALA A 127 18.57 16.75 -2.83
CA ALA A 127 18.02 18.09 -2.60
C ALA A 127 18.74 18.83 -1.46
N GLY A 128 19.83 18.27 -0.97
CA GLY A 128 20.70 18.93 0.01
C GLY A 128 20.37 18.65 1.47
N MET A 129 19.59 17.60 1.73
CA MET A 129 19.18 17.28 3.11
C MET A 129 20.04 16.21 3.76
N ARG A 130 20.06 16.27 5.09
CA ARG A 130 20.59 15.24 5.97
C ARG A 130 19.49 14.22 6.17
N THR A 131 19.84 12.94 6.24
CA THR A 131 18.82 11.91 6.38
C THR A 131 19.17 10.81 7.39
N LEU A 132 18.15 10.06 7.77
CA LEU A 132 18.31 8.80 8.51
C LEU A 132 17.09 7.94 8.25
N GLY A 133 17.30 6.64 8.07
CA GLY A 133 16.18 5.72 7.83
C GLY A 133 15.91 4.84 9.04
N ILE A 134 14.68 4.34 9.14
CA ILE A 134 14.29 3.34 10.13
C ILE A 134 13.51 2.26 9.38
N ASP A 135 14.05 1.04 9.33
CA ASP A 135 13.34 -0.08 8.69
C ASP A 135 13.77 -1.43 9.28
N PRO A 136 12.80 -2.25 9.72
CA PRO A 136 13.12 -3.52 10.40
C PRO A 136 13.56 -4.66 9.48
N ALA A 137 13.31 -4.55 8.17
CA ALA A 137 13.78 -5.57 7.23
C ALA A 137 15.31 -5.55 7.21
N ARG A 138 15.90 -6.55 7.86
CA ARG A 138 17.35 -6.57 8.13
C ARG A 138 18.16 -6.58 6.84
N ASN A 139 17.83 -7.54 5.98
CA ASN A 139 18.40 -7.66 4.64
C ASN A 139 18.39 -6.32 3.89
N ILE A 140 17.22 -5.70 3.82
CA ILE A 140 17.01 -4.48 3.07
C ILE A 140 17.74 -3.30 3.72
N ALA A 141 17.73 -3.26 5.05
CA ALA A 141 18.45 -2.21 5.78
C ALA A 141 19.96 -2.28 5.54
N ALA A 142 20.48 -3.49 5.42
CA ALA A 142 21.92 -3.69 5.18
C ALA A 142 22.32 -3.16 3.79
N VAL A 143 21.43 -3.35 2.82
CA VAL A 143 21.63 -2.82 1.47
C VAL A 143 21.65 -1.29 1.52
N ALA A 144 20.67 -0.70 2.18
CA ALA A 144 20.62 0.76 2.32
C ALA A 144 21.90 1.28 2.97
N ASN A 145 22.27 0.69 4.11
CA ASN A 145 23.51 1.04 4.80
C ASN A 145 24.75 0.87 3.92
N GLU A 146 24.79 -0.20 3.14
CA GLU A 146 25.88 -0.43 2.20
C GLU A 146 25.93 0.70 1.16
N ARG A 147 24.78 1.05 0.59
CA ARG A 147 24.69 2.12 -0.43
C ARG A 147 25.17 3.49 0.11
N GLY A 148 25.25 3.63 1.43
CA GLY A 148 25.63 4.90 2.05
C GLY A 148 24.45 5.71 2.57
N ILE A 149 23.33 5.04 2.82
CA ILE A 149 22.13 5.67 3.37
C ILE A 149 21.88 5.09 4.77
N GLU A 150 22.26 5.86 5.79
CA GLU A 150 22.21 5.35 7.16
C GLU A 150 20.77 5.00 7.56
N THR A 151 20.61 3.77 8.03
CA THR A 151 19.33 3.18 8.34
C THR A 151 19.43 2.32 9.61
N LEU A 152 18.64 2.65 10.63
CA LEU A 152 18.53 1.82 11.82
C LEU A 152 17.66 0.61 11.50
N PRO A 153 18.17 -0.62 11.75
CA PRO A 153 17.40 -1.83 11.42
C PRO A 153 16.38 -2.24 12.49
N GLU A 154 15.45 -1.34 12.80
CA GLU A 154 14.46 -1.57 13.84
C GLU A 154 13.09 -1.07 13.40
N PHE A 155 12.06 -1.52 14.13
CA PHE A 155 10.72 -0.94 14.03
C PHE A 155 10.78 0.46 14.63
N PHE A 156 9.92 1.36 14.17
CA PHE A 156 9.80 2.67 14.81
C PHE A 156 9.09 2.48 16.14
N SER A 157 9.54 3.23 17.16
CA SER A 157 8.97 3.14 18.50
C SER A 157 9.30 4.40 19.28
N VAL A 158 8.72 4.51 20.47
CA VAL A 158 8.97 5.66 21.34
C VAL A 158 10.44 5.73 21.75
N ASP A 159 11.06 4.58 21.94
CA ASP A 159 12.45 4.52 22.40
C ASP A 159 13.47 4.73 21.28
N THR A 160 13.23 4.10 20.13
CA THR A 160 14.01 4.39 18.92
C THR A 160 13.92 5.88 18.57
N ALA A 161 12.74 6.46 18.74
CA ALA A 161 12.55 7.89 18.50
C ALA A 161 13.46 8.73 19.40
N ALA A 162 13.52 8.36 20.67
CA ALA A 162 14.40 9.02 21.64
C ALA A 162 15.88 8.80 21.31
N LEU A 163 16.22 7.61 20.85
CA LEU A 163 17.60 7.35 20.39
C LEU A 163 17.98 8.27 19.20
N VAL A 164 17.04 8.49 18.29
CA VAL A 164 17.26 9.36 17.12
C VAL A 164 17.46 10.80 17.55
N LYS A 165 16.61 11.27 18.46
CA LYS A 165 16.69 12.66 18.93
C LYS A 165 18.03 12.92 19.62
N LYS A 166 18.45 11.97 20.45
CA LYS A 166 19.71 12.08 21.18
C LYS A 166 20.92 12.11 20.24
N THR A 167 20.96 11.19 19.29
CA THR A 167 22.12 11.02 18.41
C THR A 167 22.08 11.90 17.16
N HIS A 168 20.90 12.16 16.62
CA HIS A 168 20.78 12.87 15.33
C HIS A 168 20.08 14.22 15.39
N GLY A 169 19.35 14.48 16.48
CA GLY A 169 18.75 15.80 16.71
C GLY A 169 17.32 15.86 16.28
N THR A 170 16.80 17.07 16.15
CA THR A 170 15.40 17.30 15.84
C THR A 170 15.19 17.36 14.32
N PRO A 171 14.37 16.45 13.78
CA PRO A 171 14.12 16.47 12.34
C PRO A 171 13.16 17.58 11.93
N GLN A 172 13.45 18.22 10.81
CA GLN A 172 12.54 19.20 10.22
C GLN A 172 11.35 18.48 9.60
N LEU A 173 11.55 17.22 9.22
CA LEU A 173 10.52 16.40 8.60
C LEU A 173 10.66 14.93 9.02
N VAL A 174 9.53 14.31 9.36
CA VAL A 174 9.49 12.87 9.58
C VAL A 174 8.54 12.27 8.57
N LEU A 175 9.05 11.35 7.74
CA LEU A 175 8.32 10.83 6.61
C LEU A 175 8.00 9.35 6.76
N GLY A 176 6.77 8.97 6.43
CA GLY A 176 6.36 7.58 6.40
C GLY A 176 5.51 7.31 5.19
N ARG A 177 6.08 6.64 4.19
CA ARG A 177 5.37 6.34 2.95
C ARG A 177 4.90 4.91 2.94
N HIS A 178 3.58 4.73 2.86
CA HIS A 178 2.97 3.41 2.81
C HIS A 178 3.55 2.48 3.87
N VAL A 179 3.57 2.99 5.10
CA VAL A 179 3.98 2.22 6.26
C VAL A 179 3.03 2.45 7.45
N PHE A 180 2.35 3.60 7.50
CA PHE A 180 1.45 3.94 8.61
C PHE A 180 0.24 3.01 8.70
N ALA A 181 -0.20 2.48 7.56
CA ALA A 181 -1.29 1.50 7.52
C ALA A 181 -0.84 0.10 7.91
N HIS A 182 0.48 -0.09 8.07
CA HIS A 182 1.07 -1.38 8.38
C HIS A 182 1.36 -1.54 9.88
N ILE A 183 1.13 -0.50 10.65
CA ILE A 183 1.47 -0.47 12.08
C ILE A 183 0.21 -0.55 12.93
N ASP A 184 0.18 -1.51 13.85
CA ASP A 184 -0.97 -1.68 14.76
C ASP A 184 -1.00 -0.57 15.81
N ASP A 185 0.09 -0.43 16.54
CA ASP A 185 0.16 0.56 17.63
C ASP A 185 0.49 1.95 17.08
N VAL A 186 -0.51 2.54 16.45
CA VAL A 186 -0.41 3.86 15.83
C VAL A 186 -0.31 4.96 16.90
N SER A 187 -0.81 4.67 18.09
CA SER A 187 -0.69 5.57 19.24
C SER A 187 0.77 5.79 19.65
N ALA A 188 1.54 4.70 19.66
CA ALA A 188 2.98 4.77 19.98
C ALA A 188 3.77 5.58 18.95
N VAL A 189 3.39 5.43 17.67
CA VAL A 189 4.00 6.21 16.59
C VAL A 189 3.74 7.70 16.80
N ALA A 190 2.49 8.04 17.08
CA ALA A 190 2.08 9.42 17.34
C ALA A 190 2.85 10.03 18.52
N GLU A 191 3.17 9.19 19.50
CA GLU A 191 3.92 9.61 20.68
C GLU A 191 5.38 9.84 20.36
N GLY A 192 6.01 8.85 19.72
CA GLY A 192 7.40 8.98 19.27
C GLY A 192 7.60 10.20 18.38
N VAL A 193 6.64 10.43 17.49
CA VAL A 193 6.63 11.61 16.63
C VAL A 193 6.55 12.91 17.42
N ARG A 194 5.59 13.00 18.35
CA ARG A 194 5.42 14.22 19.16
C ARG A 194 6.71 14.62 19.87
N ASP A 195 7.41 13.63 20.42
CA ASP A 195 8.67 13.85 21.11
C ASP A 195 9.75 14.33 20.13
N LEU A 196 9.70 13.83 18.91
CA LEU A 196 10.71 14.15 17.87
C LEU A 196 10.52 15.57 17.30
N LEU A 197 9.29 15.96 17.05
CA LEU A 197 9.02 17.25 16.38
C LEU A 197 9.39 18.48 17.22
N GLY A 198 10.06 19.44 16.57
CA GLY A 198 10.18 20.79 17.09
C GLY A 198 8.98 21.63 16.66
N PRO A 199 8.93 22.91 17.08
CA PRO A 199 7.79 23.80 16.80
C PRO A 199 7.33 23.87 15.33
N ASP A 200 8.25 23.89 14.38
CA ASP A 200 7.88 23.91 12.95
C ASP A 200 8.22 22.62 12.19
N SER A 201 8.40 21.52 12.91
CA SER A 201 8.67 20.23 12.28
C SER A 201 7.36 19.63 11.79
N LEU A 202 7.46 18.79 10.75
CA LEU A 202 6.27 18.15 10.18
C LEU A 202 6.41 16.64 10.11
N PHE A 203 5.28 15.97 10.31
CA PHE A 203 5.17 14.54 10.15
C PHE A 203 4.27 14.30 8.95
N ALA A 204 4.82 13.70 7.90
CA ALA A 204 4.10 13.48 6.64
C ALA A 204 3.92 11.99 6.41
N ILE A 205 2.68 11.56 6.20
CA ILE A 205 2.41 10.15 5.88
C ILE A 205 1.65 10.00 4.58
N GLU A 206 2.05 9.01 3.80
CA GLU A 206 1.38 8.69 2.55
C GLU A 206 0.71 7.34 2.69
N VAL A 207 -0.60 7.32 2.48
CA VAL A 207 -1.38 6.09 2.61
C VAL A 207 -2.47 6.06 1.53
N PRO A 208 -2.92 4.86 1.14
CA PRO A 208 -4.06 4.75 0.23
C PRO A 208 -5.28 5.45 0.82
N TYR A 209 -6.04 6.14 -0.03
CA TYR A 209 -7.16 6.92 0.45
C TYR A 209 -8.42 6.08 0.44
N LEU A 210 -9.06 5.96 1.60
CA LEU A 210 -10.26 5.14 1.76
C LEU A 210 -11.34 5.53 0.77
N VAL A 211 -11.47 6.83 0.51
CA VAL A 211 -12.44 7.34 -0.46
C VAL A 211 -12.22 6.67 -1.82
N ASP A 212 -10.98 6.63 -2.27
CA ASP A 212 -10.63 6.02 -3.56
C ASP A 212 -10.82 4.51 -3.55
N MET A 213 -10.48 3.89 -2.42
CA MET A 213 -10.62 2.44 -2.28
C MET A 213 -12.06 1.99 -2.43
N LEU A 214 -12.97 2.70 -1.78
CA LEU A 214 -14.39 2.41 -1.85
C LEU A 214 -14.98 2.70 -3.23
N GLU A 215 -14.76 3.91 -3.72
CA GLU A 215 -15.33 4.35 -5.00
C GLU A 215 -14.85 3.54 -6.22
N ARG A 216 -13.61 3.06 -6.19
CA ARG A 216 -13.06 2.26 -7.28
C ARG A 216 -13.05 0.76 -6.96
N ASN A 217 -13.66 0.37 -5.86
CA ASN A 217 -13.83 -1.06 -5.52
C ASN A 217 -12.51 -1.82 -5.46
N GLU A 218 -11.51 -1.21 -4.83
CA GLU A 218 -10.15 -1.75 -4.81
C GLU A 218 -10.00 -2.76 -3.67
N PHE A 219 -10.74 -3.86 -3.76
CA PHE A 219 -10.78 -4.89 -2.70
C PHE A 219 -9.49 -5.70 -2.63
N ASP A 220 -8.74 -5.76 -3.73
CA ASP A 220 -7.48 -6.50 -3.76
C ASP A 220 -6.39 -5.82 -2.92
N THR A 221 -6.59 -4.55 -2.58
CA THR A 221 -5.67 -3.83 -1.68
C THR A 221 -5.87 -4.20 -0.21
N ILE A 222 -6.85 -5.07 0.05
CA ILE A 222 -7.03 -5.67 1.36
C ILE A 222 -6.10 -6.87 1.48
N TYR A 223 -5.07 -6.73 2.31
CA TYR A 223 -4.26 -7.87 2.70
C TYR A 223 -3.62 -7.65 4.05
N HIS A 224 -3.09 -8.73 4.63
CA HIS A 224 -2.71 -8.76 6.06
C HIS A 224 -1.76 -7.66 6.49
N GLU A 225 -0.81 -7.34 5.63
CA GLU A 225 0.10 -6.22 5.87
C GLU A 225 -0.67 -4.94 6.12
N HIS A 226 -1.73 -4.74 5.34
CA HIS A 226 -2.55 -3.54 5.47
C HIS A 226 -3.56 -3.70 6.61
N LEU A 227 -3.17 -3.23 7.78
CA LEU A 227 -4.02 -3.31 8.98
C LEU A 227 -5.11 -2.25 8.95
N SER A 228 -4.78 -1.10 8.37
CA SER A 228 -5.69 0.05 8.32
C SER A 228 -5.99 0.45 6.88
N TYR A 229 -7.16 1.07 6.69
CA TYR A 229 -7.56 1.63 5.40
C TYR A 229 -8.17 2.98 5.76
N ILE A 230 -7.45 4.05 5.39
CA ILE A 230 -7.52 5.33 6.10
C ILE A 230 -8.14 6.49 5.32
N GLY A 231 -8.98 7.25 6.03
CA GLY A 231 -9.47 8.54 5.57
C GLY A 231 -9.00 9.64 6.51
N VAL A 232 -9.17 10.89 6.09
CA VAL A 232 -8.71 12.04 6.88
C VAL A 232 -9.38 12.08 8.25
N GLY A 233 -10.67 11.75 8.30
CA GLY A 233 -11.42 11.75 9.55
C GLY A 233 -10.74 11.00 10.67
N SER A 234 -10.44 9.73 10.43
CA SER A 234 -9.83 8.85 11.43
C SER A 234 -8.48 9.34 11.92
N LEU A 235 -7.73 10.01 11.04
CA LEU A 235 -6.41 10.53 11.40
C LEU A 235 -6.51 11.71 12.36
N VAL A 236 -7.44 12.62 12.07
CA VAL A 236 -7.72 13.74 12.97
C VAL A 236 -8.13 13.21 14.35
N ALA A 237 -8.96 12.17 14.36
CA ALA A 237 -9.38 11.54 15.62
C ALA A 237 -8.19 11.04 16.45
N LEU A 238 -7.22 10.44 15.76
CA LEU A 238 -6.02 9.92 16.44
C LEU A 238 -5.10 11.03 16.93
N PHE A 239 -4.75 11.93 16.03
CA PHE A 239 -3.77 12.98 16.34
C PHE A 239 -4.30 13.98 17.37
N ARG A 240 -5.62 14.12 17.48
CA ARG A 240 -6.26 14.87 18.58
C ARG A 240 -5.75 14.42 19.95
N ARG A 241 -5.60 13.10 20.09
CA ARG A 241 -5.29 12.48 21.38
C ARG A 241 -3.79 12.43 21.71
N HIS A 242 -2.96 13.09 20.91
CA HIS A 242 -1.50 13.04 21.11
C HIS A 242 -0.82 14.38 20.82
N GLY A 243 -1.53 15.48 21.05
CA GLY A 243 -0.99 16.81 20.86
C GLY A 243 -0.47 17.10 19.46
N LEU A 244 -1.06 16.43 18.46
CA LEU A 244 -0.70 16.61 17.07
C LEU A 244 -1.90 17.09 16.29
N ARG A 245 -1.64 17.78 15.19
CA ARG A 245 -2.71 18.43 14.44
C ARG A 245 -2.47 18.38 12.94
N VAL A 246 -3.48 17.92 12.20
CA VAL A 246 -3.41 17.76 10.75
C VAL A 246 -3.44 19.12 10.09
N VAL A 247 -2.34 19.49 9.42
CA VAL A 247 -2.19 20.84 8.86
C VAL A 247 -2.37 20.94 7.34
N ASP A 248 -2.22 19.83 6.61
CA ASP A 248 -2.39 19.85 5.15
C ASP A 248 -2.57 18.45 4.60
N VAL A 249 -3.19 18.37 3.42
CA VAL A 249 -3.38 17.11 2.70
C VAL A 249 -3.27 17.33 1.19
N GLU A 250 -2.57 16.41 0.51
CA GLU A 250 -2.55 16.38 -0.96
C GLU A 250 -3.03 15.02 -1.48
N ARG A 251 -4.04 15.05 -2.35
CA ARG A 251 -4.50 13.84 -3.01
C ARG A 251 -3.55 13.48 -4.16
N LEU A 252 -3.27 12.18 -4.29
CA LEU A 252 -2.31 11.70 -5.28
C LEU A 252 -2.89 10.52 -6.06
N ALA A 253 -2.45 10.39 -7.30
CA ALA A 253 -2.88 9.29 -8.17
C ALA A 253 -2.23 7.95 -7.81
N VAL A 254 -1.07 8.00 -7.16
CA VAL A 254 -0.30 6.78 -6.88
C VAL A 254 -1.06 5.74 -6.05
N HIS A 255 -0.71 4.47 -6.28
CA HIS A 255 -1.26 3.33 -5.56
C HIS A 255 -2.79 3.33 -5.49
N GLY A 256 -3.42 3.63 -6.62
CA GLY A 256 -4.88 3.60 -6.74
C GLY A 256 -5.62 4.71 -6.01
N GLY A 257 -4.95 5.84 -5.80
CA GLY A 257 -5.54 6.97 -5.10
C GLY A 257 -5.07 7.01 -3.67
N SER A 258 -4.27 8.02 -3.34
CA SER A 258 -3.64 8.10 -2.03
C SER A 258 -3.75 9.52 -1.48
N ILE A 259 -3.40 9.66 -0.21
CA ILE A 259 -3.31 10.97 0.43
C ILE A 259 -1.96 11.12 1.13
N LEU A 260 -1.33 12.26 0.89
CA LEU A 260 -0.11 12.64 1.59
C LEU A 260 -0.53 13.66 2.66
N VAL A 261 -0.50 13.22 3.92
CA VAL A 261 -1.02 13.99 5.05
C VAL A 261 0.11 14.60 5.87
N PHE A 262 0.07 15.92 6.05
CA PHE A 262 1.05 16.62 6.88
C PHE A 262 0.47 16.92 8.26
N VAL A 263 1.28 16.64 9.28
CA VAL A 263 0.87 16.77 10.69
C VAL A 263 1.95 17.52 11.45
N GLY A 264 1.53 18.48 12.28
CA GLY A 264 2.46 19.25 13.12
C GLY A 264 2.04 19.24 14.59
N LEU A 265 2.89 19.80 15.44
CA LEU A 265 2.53 19.97 16.85
C LEU A 265 1.31 20.86 16.96
N ASP A 266 0.36 20.46 17.79
CA ASP A 266 -0.88 21.22 17.98
C ASP A 266 -0.61 22.68 18.29
N GLU A 267 0.41 22.92 19.10
CA GLU A 267 0.77 24.28 19.54
C GLU A 267 2.03 24.81 18.83
N GLY A 268 2.24 24.38 17.59
CA GLY A 268 3.43 24.77 16.83
C GLY A 268 3.15 25.85 15.81
N THR A 269 4.16 26.09 14.96
CA THR A 269 4.13 27.17 13.99
C THR A 269 3.12 26.95 12.86
N ARG A 270 2.97 25.71 12.42
CA ARG A 270 2.28 25.39 11.17
C ARG A 270 0.76 25.55 11.31
N ALA A 271 0.21 26.50 10.56
CA ALA A 271 -1.24 26.71 10.53
C ALA A 271 -1.95 25.59 9.77
N THR A 272 -3.22 25.38 10.07
CA THR A 272 -4.05 24.42 9.35
C THR A 272 -4.57 25.05 8.06
N ALA A 273 -4.39 24.34 6.95
CA ALA A 273 -4.92 24.79 5.66
C ALA A 273 -6.37 24.36 5.53
N PRO A 274 -7.17 25.11 4.75
CA PRO A 274 -8.60 24.81 4.63
C PRO A 274 -8.92 23.46 3.98
N VAL A 275 -7.95 22.92 3.24
CA VAL A 275 -8.09 21.65 2.53
C VAL A 275 -8.47 20.51 3.48
N VAL A 276 -7.97 20.56 4.71
CA VAL A 276 -8.21 19.49 5.70
C VAL A 276 -9.69 19.35 6.01
N GLU A 277 -10.33 20.49 6.28
CA GLU A 277 -11.78 20.57 6.49
C GLU A 277 -12.53 20.13 5.23
N GLU A 278 -12.10 20.62 4.07
CA GLU A 278 -12.74 20.29 2.79
C GLU A 278 -12.88 18.79 2.59
N LEU A 279 -11.77 18.08 2.79
CA LEU A 279 -11.72 16.62 2.62
C LEU A 279 -12.54 15.88 3.67
N ILE A 280 -12.58 16.42 4.89
CA ILE A 280 -13.42 15.87 5.94
C ILE A 280 -14.91 16.04 5.57
N ALA A 281 -15.25 17.19 5.01
CA ALA A 281 -16.60 17.44 4.50
C ALA A 281 -16.94 16.53 3.32
N LEU A 282 -15.97 16.35 2.41
CA LEU A 282 -16.14 15.46 1.25
C LEU A 282 -16.38 14.01 1.67
N GLU A 283 -15.68 13.55 2.70
CA GLU A 283 -15.84 12.19 3.25
C GLU A 283 -17.24 11.96 3.82
N LYS A 284 -17.75 12.91 4.59
CA LYS A 284 -19.14 12.86 5.08
C LYS A 284 -20.10 12.85 3.90
N GLU A 285 -19.86 13.77 2.96
CA GLU A 285 -20.72 13.96 1.80
C GLU A 285 -20.81 12.73 0.90
N ARG A 286 -19.81 11.85 0.96
CA ARG A 286 -19.80 10.63 0.15
C ARG A 286 -20.06 9.35 0.96
N GLY A 287 -20.71 9.51 2.11
CA GLY A 287 -21.33 8.38 2.79
C GLY A 287 -20.44 7.50 3.64
N LEU A 288 -19.26 8.00 4.00
CA LEU A 288 -18.32 7.20 4.79
C LEU A 288 -18.78 6.92 6.22
N TYR A 289 -19.71 7.73 6.73
CA TYR A 289 -20.23 7.57 8.09
C TYR A 289 -21.57 6.84 8.16
N GLU A 290 -21.87 6.04 7.13
CA GLU A 290 -23.16 5.35 7.03
C GLU A 290 -22.99 3.88 6.62
N ASP A 291 -23.77 3.00 7.25
CA ASP A 291 -23.63 1.56 7.07
C ASP A 291 -23.82 1.08 5.63
N ALA A 292 -24.75 1.71 4.91
CA ALA A 292 -25.10 1.31 3.55
C ALA A 292 -23.90 1.33 2.60
N THR A 293 -23.08 2.37 2.74
CA THR A 293 -21.86 2.54 1.93
C THR A 293 -20.95 1.30 1.94
N TYR A 294 -20.83 0.66 3.11
CA TYR A 294 -19.96 -0.51 3.28
C TYR A 294 -20.64 -1.83 2.91
N GLU A 295 -21.97 -1.86 2.99
CA GLU A 295 -22.76 -2.98 2.47
C GLU A 295 -22.76 -2.93 0.94
N ARG A 296 -22.74 -1.72 0.39
CA ARG A 296 -22.64 -1.51 -1.05
C ARG A 296 -21.28 -1.95 -1.57
N PHE A 297 -20.23 -1.56 -0.87
CA PHE A 297 -18.88 -2.04 -1.16
C PHE A 297 -18.89 -3.57 -1.22
N ALA A 298 -19.50 -4.18 -0.21
CA ALA A 298 -19.53 -5.65 -0.06
C ALA A 298 -20.11 -6.38 -1.28
N ARG A 299 -21.21 -5.88 -1.82
CA ARG A 299 -21.82 -6.53 -2.99
C ARG A 299 -21.02 -6.22 -4.26
N HIS A 300 -20.51 -5.00 -4.37
CA HIS A 300 -19.61 -4.66 -5.47
C HIS A 300 -18.47 -5.68 -5.55
N VAL A 301 -17.87 -5.99 -4.40
CA VAL A 301 -16.83 -7.00 -4.33
C VAL A 301 -17.33 -8.36 -4.86
N ALA A 302 -18.48 -8.80 -4.37
CA ALA A 302 -19.08 -10.06 -4.79
C ALA A 302 -19.36 -10.07 -6.28
N GLU A 303 -19.84 -8.95 -6.79
CA GLU A 303 -20.15 -8.80 -8.22
C GLU A 303 -18.89 -8.85 -9.09
N ILE A 304 -17.90 -8.05 -8.71
CA ILE A 304 -16.61 -7.97 -9.44
C ILE A 304 -15.88 -9.32 -9.41
N THR A 305 -15.81 -9.91 -8.23
CA THR A 305 -15.20 -11.23 -8.01
C THR A 305 -15.81 -12.30 -8.92
N ALA A 306 -17.13 -12.31 -9.01
CA ALA A 306 -17.85 -13.31 -9.80
C ALA A 306 -17.68 -13.07 -11.30
N GLU A 307 -17.83 -11.83 -11.75
CA GLU A 307 -17.69 -11.53 -13.17
C GLU A 307 -16.24 -11.56 -13.65
N LEU A 308 -15.29 -11.48 -12.73
CA LEU A 308 -13.88 -11.59 -13.09
C LEU A 308 -13.51 -13.05 -13.33
N THR A 309 -14.01 -13.94 -12.49
CA THR A 309 -13.73 -15.38 -12.65
C THR A 309 -14.40 -15.96 -13.89
N SER A 310 -15.66 -15.61 -14.13
CA SER A 310 -16.40 -16.13 -15.28
C SER A 310 -15.83 -15.58 -16.59
N MET A 311 -15.41 -14.32 -16.56
CA MET A 311 -14.72 -13.72 -17.71
C MET A 311 -13.44 -14.48 -18.02
N VAL A 312 -12.67 -14.81 -16.99
CA VAL A 312 -11.43 -15.58 -17.18
C VAL A 312 -11.75 -17.00 -17.65
N ARG A 313 -12.57 -17.72 -16.88
CA ARG A 313 -12.92 -19.10 -17.22
C ARG A 313 -13.63 -19.27 -18.56
N SER A 314 -14.44 -18.30 -18.95
CA SER A 314 -15.08 -18.29 -20.27
C SER A 314 -14.05 -18.20 -21.40
N LEU A 315 -13.16 -17.21 -21.30
CA LEU A 315 -12.09 -17.03 -22.30
C LEU A 315 -11.20 -18.27 -22.44
N ARG A 316 -10.88 -18.89 -21.30
CA ARG A 316 -10.14 -20.15 -21.32
C ARG A 316 -10.93 -21.27 -22.02
N ALA A 317 -12.23 -21.35 -21.76
CA ALA A 317 -13.09 -22.35 -22.41
C ALA A 317 -13.12 -22.17 -23.93
N GLU A 318 -12.98 -20.92 -24.40
CA GLU A 318 -12.85 -20.63 -25.83
C GLU A 318 -11.46 -20.94 -26.39
N GLY A 319 -10.56 -21.45 -25.55
CA GLY A 319 -9.20 -21.80 -25.98
C GLY A 319 -8.20 -20.64 -26.00
N LYS A 320 -8.49 -19.56 -25.26
CA LYS A 320 -7.54 -18.45 -25.09
C LYS A 320 -6.61 -18.70 -23.91
N ARG A 321 -5.36 -18.28 -24.04
CA ARG A 321 -4.37 -18.43 -22.98
C ARG A 321 -4.28 -17.15 -22.14
N ILE A 322 -4.28 -17.32 -20.83
CA ILE A 322 -4.32 -16.20 -19.90
C ILE A 322 -3.17 -16.28 -18.90
N ALA A 323 -2.52 -15.15 -18.68
CA ALA A 323 -1.46 -15.04 -17.67
C ALA A 323 -1.67 -13.77 -16.85
N GLY A 324 -0.97 -13.67 -15.73
CA GLY A 324 -1.02 -12.49 -14.89
C GLY A 324 0.13 -11.57 -15.26
N TYR A 325 -0.10 -10.26 -15.22
CA TYR A 325 0.96 -9.28 -15.49
C TYR A 325 1.33 -8.59 -14.19
N GLY A 326 2.54 -8.88 -13.69
CA GLY A 326 2.95 -8.49 -12.36
C GLY A 326 2.53 -9.54 -11.33
N ALA A 327 3.30 -9.65 -10.25
CA ALA A 327 2.93 -10.48 -9.11
C ALA A 327 2.97 -9.65 -7.83
N PRO A 328 2.18 -8.57 -7.76
CA PRO A 328 2.17 -7.76 -6.55
C PRO A 328 1.36 -8.41 -5.44
N ALA A 329 1.65 -8.00 -4.20
CA ALA A 329 0.92 -8.44 -3.02
C ALA A 329 -0.58 -8.48 -3.25
N LYS A 330 -1.12 -7.39 -3.78
CA LYS A 330 -2.58 -7.28 -4.02
C LYS A 330 -3.13 -8.30 -5.01
N GLY A 331 -2.31 -8.73 -5.96
CA GLY A 331 -2.72 -9.76 -6.92
C GLY A 331 -3.01 -11.09 -6.24
N ASN A 332 -2.32 -11.35 -5.14
CA ASN A 332 -2.53 -12.58 -4.39
C ASN A 332 -3.84 -12.56 -3.58
N THR A 333 -4.29 -11.38 -3.16
CA THR A 333 -5.65 -11.26 -2.63
C THR A 333 -6.65 -11.48 -3.75
N LEU A 334 -6.44 -10.82 -4.87
CA LEU A 334 -7.34 -10.93 -6.01
C LEU A 334 -7.57 -12.39 -6.41
N LEU A 335 -6.48 -13.12 -6.62
CA LEU A 335 -6.56 -14.49 -7.16
C LEU A 335 -7.03 -15.52 -6.13
N ASN A 336 -6.71 -15.29 -4.86
CA ASN A 336 -7.21 -16.16 -3.78
C ASN A 336 -8.71 -16.00 -3.55
N VAL A 337 -9.16 -14.76 -3.50
CA VAL A 337 -10.58 -14.44 -3.34
C VAL A 337 -11.41 -14.90 -4.54
N CYS A 338 -10.85 -14.75 -5.74
CA CYS A 338 -11.50 -15.21 -6.97
C CYS A 338 -11.36 -16.73 -7.20
N GLY A 339 -10.54 -17.39 -6.38
CA GLY A 339 -10.36 -18.84 -6.47
C GLY A 339 -9.74 -19.32 -7.78
N LEU A 340 -8.87 -18.49 -8.37
CA LEU A 340 -8.20 -18.87 -9.62
C LEU A 340 -6.98 -19.71 -9.33
N THR A 341 -6.55 -20.49 -10.31
CA THR A 341 -5.46 -21.46 -10.17
C THR A 341 -4.60 -21.50 -11.42
N ALA A 342 -3.58 -22.36 -11.40
CA ALA A 342 -2.69 -22.59 -12.54
C ALA A 342 -3.40 -23.01 -13.84
N ASP A 343 -4.61 -23.56 -13.73
CA ASP A 343 -5.43 -23.87 -14.90
C ASP A 343 -6.06 -22.63 -15.52
N ASP A 344 -6.28 -21.60 -14.70
CA ASP A 344 -6.84 -20.33 -15.15
C ASP A 344 -5.76 -19.38 -15.66
N LEU A 345 -4.76 -19.10 -14.81
CA LEU A 345 -3.57 -18.33 -15.20
C LEU A 345 -2.36 -19.24 -15.17
N GLU A 346 -1.73 -19.43 -16.33
CA GLU A 346 -0.61 -20.38 -16.42
C GLU A 346 0.68 -19.86 -15.76
N PHE A 347 0.85 -18.54 -15.75
CA PHE A 347 1.91 -17.92 -14.94
C PHE A 347 1.58 -16.45 -14.66
N CYS A 348 2.40 -15.83 -13.80
CA CYS A 348 2.43 -14.38 -13.66
C CYS A 348 3.83 -13.91 -13.98
N CYS A 349 3.97 -13.01 -14.95
CA CYS A 349 5.29 -12.43 -15.21
C CYS A 349 5.57 -11.34 -14.17
N ASP A 350 6.83 -11.22 -13.78
CA ASP A 350 7.22 -10.21 -12.80
C ASP A 350 8.71 -9.88 -12.96
N THR A 351 9.01 -8.59 -12.84
CA THR A 351 10.36 -8.06 -13.04
C THR A 351 11.27 -8.28 -11.82
N THR A 352 10.67 -8.67 -10.69
CA THR A 352 11.44 -8.91 -9.47
C THR A 352 12.15 -10.25 -9.56
N GLU A 353 13.48 -10.19 -9.60
CA GLU A 353 14.33 -11.36 -9.73
C GLU A 353 14.06 -12.39 -8.61
N PHE A 354 13.98 -11.92 -7.37
CA PHE A 354 13.67 -12.79 -6.23
C PHE A 354 12.38 -13.59 -6.42
N LYS A 355 11.38 -12.99 -7.06
CA LYS A 355 10.08 -13.64 -7.26
C LYS A 355 10.11 -14.69 -8.37
N GLN A 356 10.98 -14.49 -9.37
CA GLN A 356 11.09 -15.40 -10.50
C GLN A 356 11.53 -16.79 -10.04
N GLY A 357 10.82 -17.82 -10.50
CA GLY A 357 11.10 -19.20 -10.10
C GLY A 357 10.32 -19.66 -8.88
N LEU A 358 9.66 -18.71 -8.21
CA LEU A 358 8.82 -19.03 -7.06
C LEU A 358 7.36 -19.22 -7.51
N VAL A 359 6.50 -19.43 -6.52
CA VAL A 359 5.11 -19.75 -6.75
C VAL A 359 4.25 -18.88 -5.83
N LEU A 360 3.10 -18.43 -6.33
CA LEU A 360 2.24 -17.52 -5.56
C LEU A 360 1.65 -18.18 -4.32
N PRO A 361 1.39 -17.39 -3.25
CA PRO A 361 0.71 -17.95 -2.09
C PRO A 361 -0.72 -18.38 -2.40
N GLY A 362 -1.10 -19.55 -1.89
CA GLY A 362 -2.47 -20.08 -2.02
C GLY A 362 -2.76 -20.71 -3.37
N THR A 363 -2.77 -19.88 -4.41
CA THR A 363 -3.11 -20.34 -5.77
C THR A 363 -1.97 -21.15 -6.40
N HIS A 364 -0.76 -20.93 -5.90
CA HIS A 364 0.44 -21.63 -6.36
C HIS A 364 0.72 -21.49 -7.86
N ILE A 365 0.30 -20.37 -8.44
CA ILE A 365 0.61 -20.09 -9.85
C ILE A 365 2.10 -19.76 -9.94
N PRO A 366 2.77 -20.23 -11.01
CA PRO A 366 4.19 -19.93 -11.12
C PRO A 366 4.45 -18.47 -11.46
N VAL A 367 5.57 -17.95 -10.96
CA VAL A 367 6.04 -16.61 -11.30
C VAL A 367 7.21 -16.76 -12.26
N ARG A 368 7.07 -16.21 -13.45
CA ARG A 368 8.10 -16.29 -14.47
C ARG A 368 8.61 -14.90 -14.84
N SER A 369 9.71 -14.86 -15.60
CA SER A 369 10.34 -13.60 -16.00
C SER A 369 9.66 -13.02 -17.24
N PRO A 370 9.80 -11.69 -17.45
CA PRO A 370 9.28 -11.08 -18.68
C PRO A 370 9.90 -11.64 -19.96
N GLU A 371 11.19 -11.98 -19.90
CA GLU A 371 11.86 -12.53 -21.10
C GLU A 371 11.27 -13.90 -21.48
N TYR A 372 10.90 -14.71 -20.49
CA TYR A 372 10.14 -15.94 -20.76
C TYR A 372 8.73 -15.64 -21.28
N ALA A 373 8.05 -14.69 -20.64
CA ALA A 373 6.69 -14.32 -21.02
C ALA A 373 6.58 -13.92 -22.50
N LYS A 374 7.60 -13.22 -22.99
CA LYS A 374 7.65 -12.79 -24.39
C LYS A 374 7.82 -13.93 -25.40
N THR A 375 8.23 -15.11 -24.95
CA THR A 375 8.30 -16.29 -25.81
C THR A 375 6.97 -17.05 -25.90
N GLN A 376 5.99 -16.69 -25.07
CA GLN A 376 4.71 -17.39 -25.02
C GLN A 376 3.58 -16.61 -25.69
N ALA A 377 2.74 -17.32 -26.43
CA ALA A 377 1.60 -16.71 -27.12
C ALA A 377 0.41 -16.56 -26.18
N ILE A 378 0.49 -15.56 -25.31
CA ILE A 378 -0.59 -15.25 -24.37
C ILE A 378 -1.59 -14.32 -25.05
N ASP A 379 -2.87 -14.65 -24.92
CA ASP A 379 -3.94 -13.85 -25.51
C ASP A 379 -4.40 -12.72 -24.57
N TYR A 380 -4.48 -13.01 -23.28
CA TYR A 380 -4.90 -12.04 -22.28
C TYR A 380 -3.94 -12.03 -21.11
N TYR A 381 -3.58 -10.84 -20.65
CA TYR A 381 -2.95 -10.68 -19.35
C TYR A 381 -3.94 -10.05 -18.38
N LEU A 382 -4.14 -10.69 -17.23
CA LEU A 382 -4.88 -10.07 -16.13
C LEU A 382 -3.91 -9.11 -15.47
N LEU A 383 -4.22 -7.81 -15.53
CA LEU A 383 -3.31 -6.80 -15.02
C LEU A 383 -3.41 -6.67 -13.51
N LEU A 384 -2.52 -7.39 -12.82
CA LEU A 384 -2.53 -7.40 -11.35
C LEU A 384 -1.85 -6.18 -10.77
N ALA A 385 -0.79 -5.70 -11.43
CA ALA A 385 -0.12 -4.45 -11.06
C ALA A 385 -0.78 -3.26 -11.76
N TRP A 386 -2.09 -3.13 -11.55
CA TRP A 386 -2.90 -2.16 -12.28
C TRP A 386 -2.62 -0.70 -11.89
N ASN A 387 -2.03 -0.50 -10.72
CA ASN A 387 -1.61 0.83 -10.27
C ASN A 387 -0.46 1.42 -11.09
N TYR A 388 0.19 0.57 -11.89
CA TYR A 388 1.21 1.02 -12.84
C TYR A 388 0.72 0.91 -14.29
N GLY A 389 -0.60 0.97 -14.48
CA GLY A 389 -1.22 0.78 -15.79
C GLY A 389 -0.66 1.66 -16.92
N GLU A 390 -0.44 2.93 -16.62
CA GLU A 390 0.03 3.89 -17.62
C GLU A 390 1.42 3.53 -18.12
N GLU A 391 2.34 3.28 -17.19
CA GLU A 391 3.70 2.89 -17.51
C GLU A 391 3.77 1.53 -18.23
N ILE A 392 2.92 0.60 -17.81
CA ILE A 392 2.91 -0.75 -18.37
C ILE A 392 2.40 -0.72 -19.80
N LEU A 393 1.24 -0.11 -20.00
CA LEU A 393 0.66 -0.01 -21.33
C LEU A 393 1.58 0.74 -22.30
N ALA A 394 2.31 1.73 -21.78
CA ALA A 394 3.21 2.54 -22.60
C ALA A 394 4.37 1.76 -23.23
N LYS A 395 4.78 0.66 -22.59
CA LYS A 395 5.88 -0.17 -23.10
C LYS A 395 5.42 -1.52 -23.67
N GLU A 396 4.11 -1.72 -23.82
CA GLU A 396 3.60 -2.98 -24.37
C GLU A 396 2.94 -2.83 -25.74
N GLY A 397 3.36 -1.80 -26.49
CA GLY A 397 2.92 -1.63 -27.88
C GLY A 397 2.98 -2.89 -28.74
N PRO A 398 4.10 -3.63 -28.71
CA PRO A 398 4.20 -4.83 -29.57
C PRO A 398 3.13 -5.88 -29.29
N PHE A 399 2.89 -6.17 -28.01
CA PHE A 399 1.83 -7.09 -27.59
C PHE A 399 0.45 -6.60 -28.04
N LEU A 400 0.15 -5.34 -27.76
CA LEU A 400 -1.14 -4.75 -28.13
C LEU A 400 -1.32 -4.74 -29.66
N ALA A 401 -0.26 -4.44 -30.39
CA ALA A 401 -0.31 -4.42 -31.85
C ALA A 401 -0.58 -5.81 -32.44
N ASP A 402 -0.08 -6.85 -31.77
CA ASP A 402 -0.36 -8.24 -32.16
C ASP A 402 -1.78 -8.72 -31.79
N GLY A 403 -2.58 -7.87 -31.17
CA GLY A 403 -3.95 -8.21 -30.78
C GLY A 403 -4.07 -8.70 -29.35
N GLY A 404 -2.99 -8.64 -28.60
CA GLY A 404 -3.01 -9.00 -27.19
C GLY A 404 -3.86 -8.02 -26.39
N ARG A 405 -4.51 -8.52 -25.34
CA ARG A 405 -5.41 -7.71 -24.53
C ARG A 405 -5.10 -7.81 -23.05
N PHE A 406 -5.52 -6.78 -22.33
CA PHE A 406 -5.38 -6.72 -20.88
C PHE A 406 -6.75 -6.74 -20.21
N ILE A 407 -6.86 -7.41 -19.08
CA ILE A 407 -8.07 -7.39 -18.26
C ILE A 407 -7.76 -6.56 -17.02
N LEU A 408 -8.49 -5.46 -16.84
CA LEU A 408 -8.32 -4.60 -15.67
C LEU A 408 -9.45 -4.90 -14.68
N PRO A 409 -9.12 -5.02 -13.37
CA PRO A 409 -10.12 -5.41 -12.37
C PRO A 409 -10.95 -4.27 -11.77
N ASN A 410 -10.57 -3.01 -12.00
CA ASN A 410 -11.30 -1.90 -11.40
C ASN A 410 -11.31 -0.66 -12.29
N PRO A 411 -12.22 0.29 -12.05
CA PRO A 411 -13.30 0.23 -11.05
C PRO A 411 -14.25 -0.94 -11.25
N ARG A 412 -14.44 -1.32 -12.51
CA ARG A 412 -15.17 -2.52 -12.91
C ARG A 412 -14.31 -3.28 -13.92
N PRO A 413 -14.41 -4.62 -13.96
CA PRO A 413 -13.65 -5.39 -14.93
C PRO A 413 -13.86 -4.89 -16.36
N SER A 414 -12.75 -4.67 -17.07
CA SER A 414 -12.81 -4.15 -18.44
C SER A 414 -11.65 -4.67 -19.27
N ILE A 415 -11.81 -4.58 -20.58
CA ILE A 415 -10.82 -5.05 -21.54
C ILE A 415 -10.11 -3.86 -22.20
N VAL A 416 -8.78 -3.87 -22.14
CA VAL A 416 -7.94 -2.91 -22.86
C VAL A 416 -7.22 -3.65 -23.99
N PRO A 417 -7.23 -3.14 -25.21
CA PRO A 417 -7.86 -1.87 -25.63
C PRO A 417 -9.39 -1.92 -25.67
N PRO A 418 -10.04 -0.77 -25.43
CA PRO A 418 -11.50 -0.70 -25.57
C PRO A 418 -11.92 -0.71 -27.04
N GLY A 419 -13.22 -0.83 -27.28
CA GLY A 419 -13.76 -0.94 -28.63
C GLY A 419 -13.70 0.35 -29.43
N GLU A 420 -13.57 1.47 -28.72
CA GLU A 420 -13.48 2.78 -29.36
C GLU A 420 -12.48 3.65 -28.63
N HIS A 421 -12.01 4.67 -29.33
CA HIS A 421 -11.05 5.61 -28.77
C HIS A 421 -11.72 6.44 -27.67
N HIS A 422 -11.11 6.49 -26.49
CA HIS A 422 -11.64 7.33 -25.42
C HIS A 422 -10.90 8.67 -25.31
N HIS A 423 -11.69 9.74 -25.25
CA HIS A 423 -11.19 11.11 -25.32
C HIS A 423 -10.92 11.67 -23.91
ZN ZN B . -12.27 4.50 15.55
PA TYD C . 4.14 -2.99 -5.82
O1A TYD C . 5.20 -1.99 -6.20
O2A TYD C . 2.71 -2.60 -6.00
O3A TYD C . 4.40 -3.47 -4.28
PB TYD C . 4.06 -4.91 -3.62
O1B TYD C . 5.37 -5.68 -3.58
O2B TYD C . 3.00 -5.55 -4.51
O3B TYD C . 3.52 -4.58 -2.26
O5' TYD C . 4.41 -4.32 -6.69
C5' TYD C . 4.50 -4.23 -8.10
C4' TYD C . 4.96 -5.56 -8.67
O4' TYD C . 4.71 -5.59 -10.08
C3' TYD C . 6.45 -5.78 -8.45
O3' TYD C . 6.68 -7.11 -7.96
C2' TYD C . 7.07 -5.60 -9.82
C1' TYD C . 5.92 -5.85 -10.78
N1 TYD C . 6.02 -5.01 -11.98
C2 TYD C . 6.27 -5.64 -13.23
O2 TYD C . 6.42 -6.88 -13.27
N3 TYD C . 6.37 -4.94 -14.36
C4 TYD C . 6.23 -3.61 -14.35
O4 TYD C . 6.32 -2.97 -15.41
C5 TYD C . 5.96 -2.91 -13.07
C5M TYD C . 5.79 -1.41 -13.02
C6 TYD C . 5.86 -3.68 -11.91
N SAM D . 8.28 3.24 2.11
CA SAM D . 8.57 2.33 1.00
C SAM D . 7.74 2.67 -0.21
O SAM D . 6.85 3.55 -0.12
OXT SAM D . 7.98 2.06 -1.27
CB SAM D . 8.33 0.87 1.40
CG SAM D . 6.97 0.61 2.05
SD SAM D . 6.77 -1.01 2.38
CE SAM D . 5.36 -1.54 1.66
C5' SAM D . 6.73 -1.23 4.04
C4' SAM D . 8.13 -0.98 4.61
O4' SAM D . 8.04 -0.49 5.96
C3' SAM D . 8.98 -2.23 4.67
O3' SAM D . 10.30 -1.91 4.23
C2' SAM D . 8.94 -2.65 6.13
O2' SAM D . 10.12 -3.38 6.53
C1' SAM D . 8.80 -1.31 6.84
N9 SAM D . 8.08 -1.31 8.12
C8 SAM D . 7.02 -2.06 8.47
N7 SAM D . 6.62 -1.76 9.72
C5 SAM D . 7.43 -0.78 10.19
C6 SAM D . 7.55 -0.01 11.44
N6 SAM D . 6.69 -0.24 12.46
N1 SAM D . 8.53 0.91 11.54
C2 SAM D . 9.38 1.14 10.51
N3 SAM D . 9.33 0.46 9.34
C4 SAM D . 8.38 -0.49 9.13
C ACT E . 5.42 -9.06 -22.53
O ACT E . 5.94 -7.99 -22.95
OXT ACT E . 5.59 -9.45 -21.35
CH3 ACT E . 4.61 -9.89 -23.46
#